data_4PDB
#
_entry.id   4PDB
#
_cell.length_a   55.410
_cell.length_b   59.270
_cell.length_c   92.250
_cell.angle_alpha   90.00
_cell.angle_beta   90.00
_cell.angle_gamma   90.00
#
_symmetry.space_group_name_H-M   'P 21 21 21'
#
loop_
_entity.id
_entity.type
_entity.pdbx_description
1 polymer '30S ribosomal protein S8'
2 polymer 'SELEX RNA aptamer'
3 water water
#
loop_
_entity_poly.entity_id
_entity_poly.type
_entity_poly.pdbx_seq_one_letter_code
_entity_poly.pdbx_strand_id
1 'polypeptide(L)'
;MGSSHHHHHHSSGLVPRGSHMASMVMTDPIADMLTRIRNANMVRHEKLEVPASKIKKEIAELLKREGFIRDVEYIEDNKQ
GILRIFLKYGANNERVITGLKRISKPGLRVYAKADEVPRVLNGLGIALVSTSKGVMTDKDARQLQTGGEVVAYVW
;
A
2 'polyribonucleotide' GGGAUGCUCAGUGAUCCUUCGGGAUAUCAGGGCAUCCC I
#
# COMPACT_ATOMS: atom_id res chain seq x y z
N THR A 27 8.51 9.92 13.23
CA THR A 27 9.02 9.51 11.93
C THR A 27 8.40 8.19 11.42
N ASP A 28 7.85 8.20 10.21
CA ASP A 28 7.06 7.05 9.73
C ASP A 28 7.25 6.70 8.26
N PRO A 29 8.20 5.79 8.00
CA PRO A 29 8.62 5.32 6.67
C PRO A 29 7.46 4.88 5.77
N ILE A 30 6.44 4.22 6.34
CA ILE A 30 5.30 3.74 5.56
C ILE A 30 4.46 4.91 5.07
N ALA A 31 4.23 5.85 5.98
CA ALA A 31 3.56 7.10 5.62
C ALA A 31 4.34 7.85 4.54
N ASP A 32 5.67 7.88 4.69
CA ASP A 32 6.51 8.51 3.71
C ASP A 32 6.34 7.88 2.33
N MET A 33 6.29 6.55 2.29
CA MET A 33 6.11 5.90 1.01
C MET A 33 4.76 6.29 0.38
N LEU A 34 3.68 6.23 1.14
CA LEU A 34 2.36 6.57 0.63
C LEU A 34 2.32 8.02 0.12
N THR A 35 3.11 8.89 0.75
CA THR A 35 3.14 10.29 0.36
C THR A 35 3.86 10.46 -0.97
N ARG A 36 5.06 9.87 -1.06
CA ARG A 36 5.83 9.88 -2.30
C ARG A 36 5.02 9.31 -3.47
N ILE A 37 4.17 8.31 -3.21
CA ILE A 37 3.31 7.74 -4.24
C ILE A 37 2.16 8.68 -4.59
N ARG A 38 1.60 9.35 -3.57
CA ARG A 38 0.54 10.32 -3.77
C ARG A 38 1.01 11.51 -4.61
N ASN A 39 2.20 12.01 -4.30
CA ASN A 39 2.79 13.13 -5.04
C ASN A 39 3.11 12.79 -6.49
N ALA A 40 3.80 11.68 -6.68
CA ALA A 40 4.14 11.20 -8.01
C ALA A 40 2.89 11.05 -8.86
N ASN A 41 1.81 10.60 -8.21
CA ASN A 41 0.56 10.35 -8.90
C ASN A 41 -0.10 11.68 -9.32
N MET A 42 0.00 12.69 -8.47
CA MET A 42 -0.48 14.02 -8.84
C MET A 42 0.18 14.49 -10.12
N VAL A 43 1.50 14.59 -10.06
CA VAL A 43 2.32 15.06 -11.17
C VAL A 43 2.45 14.01 -12.29
N ARG A 44 1.59 13.00 -12.23
CA ARG A 44 1.58 11.88 -13.17
C ARG A 44 2.94 11.30 -13.58
N HIS A 45 3.87 11.16 -12.65
CA HIS A 45 5.16 10.58 -12.99
C HIS A 45 5.02 9.11 -13.31
N GLU A 46 5.93 8.62 -14.15
CA GLU A 46 6.01 7.21 -14.43
C GLU A 46 6.47 6.40 -13.20
N LYS A 47 7.51 6.87 -12.53
CA LYS A 47 8.13 6.10 -11.47
C LYS A 47 8.60 6.95 -10.29
N LEU A 48 8.95 6.29 -9.20
CA LEU A 48 9.39 6.96 -7.98
C LEU A 48 10.20 5.94 -7.20
N GLU A 49 10.81 6.37 -6.12
CA GLU A 49 11.66 5.48 -5.37
C GLU A 49 11.57 5.76 -3.89
N VAL A 50 11.75 4.72 -3.10
CA VAL A 50 11.68 4.83 -1.66
C VAL A 50 12.73 3.90 -1.14
N PRO A 51 13.22 4.16 0.07
CA PRO A 51 14.12 3.18 0.67
C PRO A 51 13.34 1.89 0.85
N ALA A 52 14.00 0.77 0.62
CA ALA A 52 13.33 -0.50 0.79
C ALA A 52 13.28 -0.92 2.27
N SER A 53 12.16 -1.52 2.67
CA SER A 53 12.06 -2.32 3.88
C SER A 53 11.12 -3.49 3.57
N LYS A 54 11.10 -4.51 4.40
CA LYS A 54 10.29 -5.67 4.08
C LYS A 54 8.80 -5.30 4.04
N ILE A 55 8.35 -4.46 4.95
CA ILE A 55 6.94 -4.13 5.04
C ILE A 55 6.51 -3.28 3.84
N LYS A 56 7.37 -2.37 3.40
CA LYS A 56 7.09 -1.60 2.21
C LYS A 56 7.15 -2.47 0.94
N LYS A 57 8.08 -3.43 0.89
CA LYS A 57 8.10 -4.43 -0.19
C LYS A 57 6.72 -5.05 -0.30
N GLU A 58 6.22 -5.56 0.82
CA GLU A 58 4.96 -6.26 0.84
C GLU A 58 3.82 -5.39 0.37
N ILE A 59 3.81 -4.16 0.85
CA ILE A 59 2.82 -3.18 0.45
C ILE A 59 2.86 -2.92 -1.05
N ALA A 60 4.04 -2.75 -1.61
CA ALA A 60 4.12 -2.42 -3.02
C ALA A 60 3.65 -3.61 -3.85
N GLU A 61 3.98 -4.81 -3.38
CA GLU A 61 3.61 -6.03 -4.07
C GLU A 61 2.11 -6.21 -4.11
N LEU A 62 1.43 -5.86 -3.01
CA LEU A 62 -0.03 -5.88 -2.97
C LEU A 62 -0.65 -4.93 -3.98
N LEU A 63 -0.13 -3.71 -4.05
CA LEU A 63 -0.62 -2.75 -5.01
C LEU A 63 -0.46 -3.28 -6.43
N LYS A 64 0.67 -3.92 -6.73
CA LYS A 64 0.82 -4.53 -8.05
C LYS A 64 -0.24 -5.60 -8.26
N ARG A 65 -0.33 -6.53 -7.30
CA ARG A 65 -1.26 -7.64 -7.43
C ARG A 65 -2.73 -7.19 -7.44
N GLU A 66 -3.02 -5.97 -6.98
CA GLU A 66 -4.41 -5.45 -6.99
C GLU A 66 -4.62 -4.47 -8.15
N GLY A 67 -3.58 -4.36 -8.97
CA GLY A 67 -3.63 -3.50 -10.14
C GLY A 67 -3.59 -2.00 -9.93
N PHE A 68 -3.06 -1.54 -8.79
CA PHE A 68 -3.02 -0.10 -8.49
C PHE A 68 -1.71 0.55 -8.94
N ILE A 69 -0.68 -0.26 -9.10
CA ILE A 69 0.57 0.19 -9.71
C ILE A 69 0.89 -0.76 -10.83
N ARG A 70 1.74 -0.33 -11.77
CA ARG A 70 2.07 -1.16 -12.93
C ARG A 70 3.16 -2.16 -12.54
N ASP A 71 4.17 -1.70 -11.78
CA ASP A 71 5.25 -2.59 -11.35
C ASP A 71 5.99 -2.10 -10.10
N VAL A 72 6.65 -3.03 -9.40
CA VAL A 72 7.64 -2.68 -8.38
C VAL A 72 8.87 -3.56 -8.55
N GLU A 73 10.05 -3.01 -8.30
CA GLU A 73 11.24 -3.82 -8.37
C GLU A 73 12.26 -3.36 -7.35
N TYR A 74 13.21 -4.23 -7.04
CA TYR A 74 14.22 -3.98 -6.03
C TYR A 74 15.52 -3.60 -6.75
N ILE A 75 15.99 -2.39 -6.45
CA ILE A 75 17.26 -1.88 -6.96
C ILE A 75 18.34 -1.96 -5.90
N GLU A 76 19.39 -2.68 -6.23
CA GLU A 76 20.52 -2.90 -5.33
C GLU A 76 21.38 -1.64 -5.10
N ASP A 77 21.91 -1.45 -3.89
CA ASP A 77 22.74 -0.27 -3.63
C ASP A 77 23.72 -0.41 -2.47
N ASN A 78 23.91 -1.64 -1.99
CA ASN A 78 24.74 -1.92 -0.80
C ASN A 78 24.45 -1.07 0.44
N LYS A 79 23.32 -0.37 0.45
CA LYS A 79 22.84 0.29 1.65
C LYS A 79 21.67 -0.56 2.11
N GLN A 80 20.45 -0.06 2.04
CA GLN A 80 19.31 -0.88 2.42
C GLN A 80 18.37 -1.16 1.25
N GLY A 81 18.81 -0.80 0.05
CA GLY A 81 18.05 -1.11 -1.13
C GLY A 81 17.05 -0.05 -1.49
N ILE A 82 16.59 -0.08 -2.73
CA ILE A 82 15.60 0.83 -3.24
C ILE A 82 14.40 0.05 -3.80
N LEU A 83 13.19 0.55 -3.56
CA LEU A 83 12.04 0.08 -4.28
C LEU A 83 11.74 1.13 -5.32
N ARG A 84 11.89 0.77 -6.59
CA ARG A 84 11.43 1.62 -7.67
C ARG A 84 10.02 1.18 -8.11
N ILE A 85 9.08 2.09 -7.96
CA ILE A 85 7.70 1.80 -8.22
C ILE A 85 7.25 2.50 -9.49
N PHE A 86 6.63 1.73 -10.37
CA PHE A 86 6.04 2.25 -11.60
C PHE A 86 4.54 2.42 -11.46
N LEU A 87 4.09 3.67 -11.55
CA LEU A 87 2.67 3.97 -11.37
C LEU A 87 1.85 3.61 -12.60
N LYS A 88 0.54 3.64 -12.44
CA LYS A 88 -0.33 3.18 -13.49
C LYS A 88 -1.36 4.25 -13.89
N TYR A 89 -1.42 4.53 -15.18
CA TYR A 89 -2.43 5.45 -15.68
C TYR A 89 -3.23 4.82 -16.80
N GLY A 90 -4.50 5.19 -16.86
CA GLY A 90 -5.46 4.54 -17.72
C GLY A 90 -5.64 5.25 -19.03
N ALA A 91 -6.70 4.90 -19.74
CA ALA A 91 -6.87 5.19 -21.16
C ALA A 91 -6.51 6.64 -21.53
N ASN A 92 -7.32 7.60 -21.09
CA ASN A 92 -6.96 8.98 -21.34
C ASN A 92 -6.34 9.60 -20.09
N ASN A 93 -5.21 9.03 -19.69
CA ASN A 93 -4.42 9.54 -18.58
C ASN A 93 -5.12 9.53 -17.22
N GLU A 94 -6.28 8.87 -17.17
CA GLU A 94 -6.97 8.56 -15.93
C GLU A 94 -5.99 7.91 -14.92
N ARG A 95 -5.88 8.47 -13.73
CA ARG A 95 -5.04 7.84 -12.72
C ARG A 95 -5.75 6.63 -12.13
N VAL A 96 -5.06 5.50 -12.07
CA VAL A 96 -5.66 4.29 -11.52
C VAL A 96 -5.83 4.49 -10.01
N ILE A 97 -4.81 5.01 -9.32
CA ILE A 97 -4.94 5.35 -7.90
C ILE A 97 -5.64 6.69 -7.69
N THR A 98 -6.68 6.70 -6.86
CA THR A 98 -7.32 7.94 -6.43
C THR A 98 -6.79 8.46 -5.09
N GLY A 99 -6.59 7.57 -4.11
CA GLY A 99 -6.03 8.02 -2.85
C GLY A 99 -5.25 6.99 -2.03
N LEU A 100 -4.42 7.49 -1.13
CA LEU A 100 -3.77 6.62 -0.18
C LEU A 100 -3.86 7.24 1.21
N LYS A 101 -4.29 6.45 2.18
CA LYS A 101 -4.34 6.95 3.55
C LYS A 101 -3.49 6.08 4.48
N ARG A 102 -2.57 6.71 5.21
CA ARG A 102 -1.96 6.05 6.35
C ARG A 102 -3.01 5.91 7.45
N ILE A 103 -3.24 4.69 7.93
CA ILE A 103 -4.24 4.46 8.96
C ILE A 103 -3.53 4.26 10.28
N SER A 104 -3.03 3.05 10.51
CA SER A 104 -2.23 2.81 11.72
C SER A 104 -0.99 3.74 11.71
N LYS A 105 -0.48 4.08 12.89
CA LYS A 105 0.57 5.08 13.00
C LYS A 105 1.49 4.73 14.13
N PRO A 106 2.72 5.23 14.09
CA PRO A 106 3.52 5.09 15.30
C PRO A 106 2.90 5.95 16.39
N GLY A 107 2.70 5.38 17.57
CA GLY A 107 2.12 6.14 18.66
C GLY A 107 0.61 6.11 18.74
N LEU A 108 -0.04 5.69 17.64
CA LEU A 108 -1.44 5.31 17.67
C LEU A 108 -1.65 4.17 16.67
N ARG A 109 -1.36 2.97 17.10
CA ARG A 109 -1.59 1.81 16.27
C ARG A 109 -3.09 1.51 16.15
N VAL A 110 -3.50 0.99 15.00
CA VAL A 110 -4.90 0.70 14.72
C VAL A 110 -5.11 -0.81 14.50
N TYR A 111 -6.05 -1.39 15.25
CA TYR A 111 -6.23 -2.85 15.25
C TYR A 111 -7.69 -3.28 15.02
N ALA A 112 -7.89 -4.25 14.16
CA ALA A 112 -9.22 -4.77 13.87
C ALA A 112 -9.27 -6.25 14.19
N LYS A 113 -10.32 -6.67 14.88
CA LYS A 113 -10.73 -8.06 14.95
C LYS A 113 -11.33 -8.45 13.61
N ALA A 114 -11.47 -9.74 13.37
CA ALA A 114 -11.72 -10.23 12.01
C ALA A 114 -13.08 -9.79 11.47
N ASP A 115 -14.04 -9.52 12.34
CA ASP A 115 -15.28 -8.94 11.86
C ASP A 115 -15.30 -7.40 11.85
N GLU A 116 -14.17 -6.76 12.16
CA GLU A 116 -14.15 -5.32 12.23
C GLU A 116 -13.21 -4.69 11.23
N VAL A 117 -12.51 -5.54 10.48
CA VAL A 117 -11.69 -5.10 9.39
C VAL A 117 -12.49 -4.23 8.45
N PRO A 118 -12.11 -2.95 8.35
CA PRO A 118 -12.79 -1.93 7.54
C PRO A 118 -12.97 -2.33 6.08
N ARG A 119 -13.97 -1.71 5.45
CA ARG A 119 -14.21 -1.83 4.02
C ARG A 119 -13.89 -0.49 3.38
N VAL A 120 -13.03 -0.44 2.38
CA VAL A 120 -12.77 0.89 1.79
C VAL A 120 -13.65 1.15 0.58
N LEU A 121 -14.50 2.17 0.70
CA LEU A 121 -15.41 2.57 -0.38
C LEU A 121 -16.29 1.43 -0.84
N ASN A 122 -16.90 0.75 0.12
CA ASN A 122 -17.78 -0.39 -0.13
C ASN A 122 -17.20 -1.43 -1.10
N GLY A 123 -15.90 -1.67 -0.97
CA GLY A 123 -15.28 -2.76 -1.70
C GLY A 123 -14.55 -2.33 -2.94
N LEU A 124 -14.75 -1.08 -3.35
CA LEU A 124 -14.07 -0.52 -4.52
C LEU A 124 -12.60 -0.14 -4.23
N GLY A 125 -12.26 0.05 -2.96
CA GLY A 125 -10.90 0.30 -2.53
C GLY A 125 -10.37 -0.86 -1.72
N ILE A 126 -9.15 -0.76 -1.20
CA ILE A 126 -8.65 -1.83 -0.36
C ILE A 126 -8.11 -1.31 0.97
N ALA A 127 -8.25 -2.10 2.02
CA ALA A 127 -7.56 -1.84 3.27
C ALA A 127 -6.38 -2.79 3.38
N LEU A 128 -5.20 -2.27 3.64
CA LEU A 128 -4.03 -3.11 3.82
C LEU A 128 -3.92 -3.54 5.27
N VAL A 129 -3.99 -4.85 5.49
CA VAL A 129 -3.98 -5.37 6.86
C VAL A 129 -2.76 -6.25 7.11
N SER A 130 -2.02 -5.95 8.18
CA SER A 130 -0.96 -6.85 8.60
C SER A 130 -1.52 -7.90 9.57
N THR A 131 -1.48 -9.16 9.14
CA THR A 131 -2.00 -10.26 9.96
C THR A 131 -0.81 -11.10 10.36
N SER A 132 -0.98 -12.02 11.30
CA SER A 132 0.09 -12.95 11.65
C SER A 132 0.41 -13.91 10.51
N LYS A 133 -0.32 -13.80 9.40
CA LYS A 133 0.03 -14.59 8.23
C LYS A 133 0.40 -13.69 7.07
N GLY A 134 0.97 -12.54 7.39
CA GLY A 134 1.39 -11.59 6.39
C GLY A 134 0.43 -10.44 6.10
N VAL A 135 0.89 -9.54 5.24
CA VAL A 135 0.16 -8.36 4.88
C VAL A 135 -0.68 -8.71 3.70
N MET A 136 -1.98 -8.45 3.81
CA MET A 136 -2.92 -8.80 2.76
C MET A 136 -4.04 -7.77 2.74
N THR A 137 -4.94 -7.90 1.76
CA THR A 137 -6.08 -7.01 1.67
C THR A 137 -7.11 -7.32 2.74
N ASP A 138 -8.16 -6.52 2.77
CA ASP A 138 -9.22 -6.72 3.75
C ASP A 138 -10.08 -7.92 3.35
N LYS A 139 -10.22 -8.14 2.05
CA LYS A 139 -10.95 -9.29 1.56
C LYS A 139 -10.21 -10.57 1.94
N ASP A 140 -8.89 -10.58 1.79
CA ASP A 140 -8.09 -11.72 2.24
C ASP A 140 -8.21 -11.98 3.75
N ALA A 141 -8.29 -10.90 4.53
CA ALA A 141 -8.38 -11.00 5.97
C ALA A 141 -9.68 -11.69 6.36
N ARG A 142 -10.81 -11.15 5.87
CA ARG A 142 -12.11 -11.75 6.12
C ARG A 142 -12.16 -13.19 5.62
N GLN A 143 -11.46 -13.46 4.53
CA GLN A 143 -11.40 -14.81 3.98
C GLN A 143 -10.79 -15.75 5.00
N LEU A 144 -9.52 -15.52 5.32
CA LEU A 144 -8.81 -16.28 6.36
C LEU A 144 -9.40 -16.18 7.76
N GLN A 145 -10.41 -15.32 7.92
CA GLN A 145 -10.99 -15.02 9.24
C GLN A 145 -9.94 -14.55 10.23
N THR A 146 -9.30 -13.43 9.94
CA THR A 146 -8.25 -12.92 10.80
C THR A 146 -8.30 -11.42 10.89
N GLY A 147 -7.82 -10.86 11.99
CA GLY A 147 -7.66 -9.43 12.11
C GLY A 147 -6.19 -9.06 12.05
N GLY A 148 -5.84 -7.89 12.59
CA GLY A 148 -4.47 -7.41 12.57
C GLY A 148 -4.37 -5.90 12.56
N GLU A 149 -3.20 -5.39 12.18
CA GLU A 149 -2.96 -3.96 12.13
C GLU A 149 -3.47 -3.41 10.82
N VAL A 150 -4.33 -2.40 10.88
CA VAL A 150 -4.82 -1.75 9.66
C VAL A 150 -3.84 -0.67 9.22
N VAL A 151 -2.96 -1.06 8.31
CA VAL A 151 -1.81 -0.25 7.93
C VAL A 151 -2.18 0.96 7.07
N ALA A 152 -3.01 0.73 6.06
CA ALA A 152 -3.37 1.79 5.13
C ALA A 152 -4.63 1.55 4.29
N TYR A 153 -5.04 2.59 3.57
CA TYR A 153 -6.15 2.56 2.61
C TYR A 153 -5.64 2.97 1.23
N VAL A 154 -6.06 2.27 0.19
CA VAL A 154 -5.89 2.72 -1.19
C VAL A 154 -7.18 2.54 -1.96
N TRP A 155 -7.55 3.55 -2.74
CA TRP A 155 -8.74 3.48 -3.59
C TRP A 155 -8.50 4.26 -4.89
#